data_4UQO
#
_entry.id   4UQO
#
_cell.length_a   40.308
_cell.length_b   87.130
_cell.length_c   62.322
_cell.angle_alpha   90.00
_cell.angle_beta   90.55
_cell.angle_gamma   90.00
#
_symmetry.space_group_name_H-M   'P 1 21 1'
#
loop_
_entity.id
_entity.type
_entity.pdbx_description
1 polymer 'DNA REPAIR AND RECOMBINATION PROTEIN RADA'
2 non-polymer "ADENOSINE-5'-DIPHOSPHATE"
3 non-polymer 'MAGNESIUM ION'
4 non-polymer 'SODIUM ION'
5 water water
#
_entity_poly.entity_id   1
_entity_poly.type   'polypeptide(L)'
_entity_poly.pdbx_seq_one_letter_code
;MATIGRISTGSKSLDKLLGGGIETQAITEVFGEFGSGKTQLAHTLAVMVQLPPEEGGLNGSVIWIDTENTFRPERIREIA
QNRGLDPDEVLKHIYVARAFNSNHQMLLVQQAEDKIKELLNTDRPVKLLIVDSLTSHFRSEYIGRGALAERQQKLAKHLA
DLHRLANLYDIAVFVTNQVQANGGHILAHSATLRVYLRKGKGGKRIARLIDAPHLPEGEAVFSITEKGIED
;
_entity_poly.pdbx_strand_id   A,B
#
loop_
_chem_comp.id
_chem_comp.type
_chem_comp.name
_chem_comp.formula
ADP non-polymer ADENOSINE-5'-DIPHOSPHATE 'C10 H15 N5 O10 P2'
MG non-polymer 'MAGNESIUM ION' 'Mg 2'
NA non-polymer 'SODIUM ION' 'Na 1'
#
# COMPACT_ATOMS: atom_id res chain seq x y z
N ALA A 2 10.84 28.09 -25.54
CA ALA A 2 11.73 27.27 -26.38
C ALA A 2 13.00 26.95 -25.66
N THR A 3 13.77 27.94 -25.18
N THR A 3 13.80 27.94 -25.22
CA THR A 3 15.05 27.62 -24.51
CA THR A 3 15.10 27.54 -24.59
C THR A 3 14.73 26.91 -23.21
C THR A 3 14.77 26.92 -23.23
N ILE A 4 15.59 26.00 -22.79
CA ILE A 4 15.32 25.29 -21.57
C ILE A 4 15.83 26.04 -20.34
N GLY A 5 15.00 26.11 -19.29
CA GLY A 5 15.42 26.57 -17.97
C GLY A 5 15.95 25.46 -17.07
N ARG A 6 16.74 25.85 -16.07
CA ARG A 6 17.35 24.95 -15.15
C ARG A 6 17.16 25.46 -13.71
N ILE A 7 16.68 24.60 -12.84
CA ILE A 7 16.42 24.91 -11.45
C ILE A 7 17.48 24.25 -10.63
N SER A 8 18.28 25.07 -9.96
CA SER A 8 19.27 24.54 -9.01
C SER A 8 18.60 23.75 -7.91
N THR A 9 19.22 22.63 -7.55
CA THR A 9 18.78 21.83 -6.42
C THR A 9 19.20 22.32 -5.04
N GLY A 10 20.15 23.26 -4.95
CA GLY A 10 20.80 23.60 -3.68
C GLY A 10 22.20 23.00 -3.58
N SER A 11 22.41 21.87 -4.24
CA SER A 11 23.70 21.17 -4.18
C SER A 11 24.41 21.36 -5.49
N LYS A 12 25.63 21.89 -5.39
CA LYS A 12 26.54 22.04 -6.51
C LYS A 12 26.89 20.71 -7.12
N SER A 13 27.08 19.70 -6.31
CA SER A 13 27.38 18.40 -6.79
C SER A 13 26.22 17.85 -7.64
N LEU A 14 25.03 17.88 -7.08
CA LEU A 14 23.85 17.39 -7.81
C LEU A 14 23.62 18.21 -9.08
N ASP A 15 23.71 19.53 -8.97
CA ASP A 15 23.55 20.40 -10.14
C ASP A 15 24.48 20.01 -11.25
N LYS A 16 25.75 19.74 -10.94
CA LYS A 16 26.69 19.40 -11.99
C LYS A 16 26.29 18.11 -12.67
N LEU A 17 25.96 17.11 -11.88
CA LEU A 17 25.46 15.88 -12.39
C LEU A 17 24.26 16.12 -13.32
N LEU A 18 23.44 17.09 -12.97
CA LEU A 18 22.19 17.35 -13.71
C LEU A 18 22.35 18.26 -14.95
N GLY A 19 23.61 18.70 -15.19
CA GLY A 19 23.87 19.67 -16.20
C GLY A 19 23.49 21.07 -15.86
N GLY A 20 23.38 21.40 -14.56
CA GLY A 20 23.11 22.75 -14.10
C GLY A 20 21.83 22.82 -13.25
N GLY A 21 21.01 21.78 -13.31
CA GLY A 21 19.82 21.74 -12.50
C GLY A 21 18.73 20.99 -13.18
N ILE A 22 17.58 20.87 -12.55
CA ILE A 22 16.52 20.16 -13.24
C ILE A 22 15.97 21.00 -14.40
N GLU A 23 15.59 20.35 -15.50
CA GLU A 23 15.18 21.04 -16.70
C GLU A 23 13.69 21.33 -16.80
N THR A 24 13.35 22.48 -17.35
CA THR A 24 11.99 22.70 -17.87
C THR A 24 11.89 21.89 -19.18
N GLN A 25 10.65 21.65 -19.58
CA GLN A 25 10.32 20.84 -20.70
C GLN A 25 10.78 19.43 -20.51
N ALA A 26 10.72 18.95 -19.28
CA ALA A 26 11.19 17.62 -18.95
C ALA A 26 10.53 17.14 -17.72
N ILE A 27 10.41 15.83 -17.62
CA ILE A 27 10.00 15.20 -16.38
C ILE A 27 11.23 14.59 -15.80
N THR A 28 11.63 15.10 -14.65
CA THR A 28 12.71 14.44 -13.88
C THR A 28 12.15 13.57 -12.73
N GLU A 29 12.50 12.29 -12.76
CA GLU A 29 12.06 11.33 -11.77
C GLU A 29 13.21 11.03 -10.83
N VAL A 30 12.93 11.25 -9.55
CA VAL A 30 13.79 10.78 -8.51
C VAL A 30 13.21 9.51 -7.88
N PHE A 31 14.08 8.52 -7.78
CA PHE A 31 13.62 7.23 -7.25
C PHE A 31 14.61 6.66 -6.32
N GLY A 32 14.03 6.05 -5.27
CA GLY A 32 14.87 5.49 -4.23
C GLY A 32 14.09 4.99 -3.06
N GLU A 33 14.77 4.35 -2.12
CA GLU A 33 14.09 3.78 -0.98
C GLU A 33 13.44 4.79 -0.06
N PHE A 34 12.48 4.36 0.73
CA PHE A 34 11.98 5.20 1.85
C PHE A 34 13.16 5.78 2.63
N GLY A 35 13.06 7.05 2.94
CA GLY A 35 14.05 7.81 3.69
C GLY A 35 15.29 8.25 2.92
N SER A 36 15.30 8.02 1.60
CA SER A 36 16.45 8.38 0.80
C SER A 36 16.52 9.90 0.63
N GLY A 37 15.40 10.61 0.74
CA GLY A 37 15.43 12.07 0.51
C GLY A 37 14.67 12.69 -0.65
N LYS A 38 13.79 11.90 -1.27
CA LYS A 38 12.99 12.33 -2.37
C LYS A 38 12.15 13.56 -2.03
N THR A 39 11.49 13.52 -0.88
CA THR A 39 10.56 14.58 -0.50
C THR A 39 11.34 15.81 -0.04
N GLN A 40 12.53 15.60 0.57
CA GLN A 40 13.36 16.73 0.94
C GLN A 40 13.91 17.51 -0.29
N LEU A 41 14.37 16.79 -1.29
CA LEU A 41 14.69 17.39 -2.58
C LEU A 41 13.50 18.13 -3.20
N ALA A 42 12.32 17.51 -3.22
CA ALA A 42 11.16 18.25 -3.64
C ALA A 42 10.95 19.59 -2.86
N HIS A 43 11.02 19.54 -1.54
CA HIS A 43 10.90 20.76 -0.70
C HIS A 43 11.88 21.81 -1.12
N THR A 44 13.16 21.43 -1.31
CA THR A 44 14.20 22.37 -1.63
C THR A 44 13.99 23.02 -3.00
N LEU A 45 13.61 22.19 -3.97
CA LEU A 45 13.29 22.69 -5.30
C LEU A 45 12.15 23.69 -5.33
N ALA A 46 11.13 23.44 -4.50
CA ALA A 46 9.98 24.35 -4.40
C ALA A 46 10.38 25.73 -3.88
N VAL A 47 11.56 25.81 -3.25
CA VAL A 47 12.09 27.07 -2.79
C VAL A 47 13.01 27.59 -3.84
N MET A 48 13.98 26.75 -4.23
CA MET A 48 14.99 27.19 -5.24
C MET A 48 14.37 27.82 -6.51
N VAL A 49 13.24 27.27 -6.97
CA VAL A 49 12.67 27.75 -8.23
C VAL A 49 12.24 29.21 -8.14
N GLN A 50 11.99 29.69 -6.93
CA GLN A 50 11.51 31.05 -6.72
C GLN A 50 12.63 32.03 -6.71
N LEU A 51 13.88 31.55 -6.67
CA LEU A 51 15.00 32.48 -6.78
C LEU A 51 15.10 33.07 -8.21
N PRO A 52 15.72 34.25 -8.31
CA PRO A 52 16.02 34.77 -9.63
C PRO A 52 17.07 33.90 -10.32
N PRO A 53 17.21 34.05 -11.67
CA PRO A 53 18.01 33.15 -12.45
C PRO A 53 19.51 33.17 -12.11
N GLU A 54 20.04 34.34 -11.77
CA GLU A 54 21.44 34.46 -11.37
C GLU A 54 21.68 33.74 -10.01
N GLU A 55 20.60 33.39 -9.31
CA GLU A 55 20.76 32.57 -8.11
C GLU A 55 20.28 31.10 -8.34
N GLY A 56 19.98 30.71 -9.57
CA GLY A 56 19.72 29.34 -9.89
C GLY A 56 18.24 29.02 -9.99
N GLY A 57 17.41 30.02 -9.86
CA GLY A 57 15.96 29.84 -10.00
C GLY A 57 15.36 30.33 -11.31
N LEU A 58 14.02 30.38 -11.37
CA LEU A 58 13.34 30.88 -12.52
C LEU A 58 12.22 31.89 -12.17
N ASN A 59 12.30 32.55 -11.00
CA ASN A 59 11.23 33.42 -10.53
C ASN A 59 9.86 32.77 -10.61
N GLY A 60 9.79 31.48 -10.30
CA GLY A 60 8.59 30.69 -10.60
C GLY A 60 7.74 30.38 -9.41
N SER A 61 6.45 30.17 -9.70
CA SER A 61 5.54 29.57 -8.84
C SER A 61 5.63 28.02 -8.93
N VAL A 62 5.06 27.39 -7.93
CA VAL A 62 5.06 25.92 -7.76
C VAL A 62 3.64 25.34 -7.64
N ILE A 63 3.36 24.27 -8.39
CA ILE A 63 2.21 23.42 -8.10
C ILE A 63 2.72 22.05 -7.57
N TRP A 64 2.12 21.58 -6.48
CA TRP A 64 2.55 20.41 -5.74
C TRP A 64 1.38 19.52 -5.48
N ILE A 65 1.43 18.33 -6.06
CA ILE A 65 0.42 17.30 -5.90
C ILE A 65 1.02 16.30 -4.94
N ASP A 66 0.44 16.29 -3.74
CA ASP A 66 0.89 15.48 -2.60
C ASP A 66 0.05 14.29 -2.46
N THR A 67 0.64 13.11 -2.45
CA THR A 67 -0.13 11.86 -2.33
C THR A 67 0.00 11.14 -1.01
N GLU A 68 0.90 11.59 -0.15
CA GLU A 68 1.18 10.86 1.10
C GLU A 68 1.21 11.79 2.25
N ASN A 69 0.69 12.99 2.04
CA ASN A 69 0.61 13.99 3.09
C ASN A 69 1.94 14.25 3.76
N THR A 70 3.01 14.32 2.95
CA THR A 70 4.34 14.65 3.47
C THR A 70 4.82 16.08 3.22
N PHE A 71 4.00 16.91 2.59
CA PHE A 71 4.34 18.32 2.44
C PHE A 71 4.35 18.95 3.83
N ARG A 72 5.36 19.73 4.15
CA ARG A 72 5.50 20.45 5.40
C ARG A 72 5.77 21.93 5.16
N PRO A 73 4.73 22.76 5.34
CA PRO A 73 4.96 24.17 5.13
C PRO A 73 6.06 24.76 5.98
N GLU A 74 6.27 24.25 7.21
CA GLU A 74 7.32 24.82 8.09
C GLU A 74 8.71 24.45 7.59
N ARG A 75 8.80 23.31 6.90
CA ARG A 75 10.08 22.95 6.23
C ARG A 75 10.39 23.93 5.08
N ILE A 76 9.37 24.28 4.32
CA ILE A 76 9.51 25.30 3.28
C ILE A 76 9.98 26.64 3.89
N ARG A 77 9.31 27.05 4.97
CA ARG A 77 9.66 28.33 5.63
C ARG A 77 11.12 28.29 6.12
N GLU A 78 11.53 27.17 6.68
CA GLU A 78 12.88 26.98 7.14
C GLU A 78 13.89 27.12 6.02
N ILE A 79 13.68 26.39 4.93
CA ILE A 79 14.60 26.44 3.81
C ILE A 79 14.69 27.83 3.20
N ALA A 80 13.54 28.45 3.03
CA ALA A 80 13.49 29.80 2.47
C ALA A 80 14.28 30.78 3.35
N GLN A 81 14.01 30.75 4.67
CA GLN A 81 14.61 31.70 5.63
C GLN A 81 16.11 31.52 5.56
N ASN A 82 16.56 30.30 5.53
CA ASN A 82 17.99 30.05 5.58
C ASN A 82 18.67 30.31 4.29
N ARG A 83 17.92 30.58 3.23
CA ARG A 83 18.56 30.99 1.97
C ARG A 83 18.27 32.45 1.65
N GLY A 84 17.77 33.18 2.63
CA GLY A 84 17.60 34.64 2.48
C GLY A 84 16.32 35.08 1.80
N LEU A 85 15.33 34.19 1.74
CA LEU A 85 14.02 34.52 1.19
C LEU A 85 13.02 34.72 2.30
N ASP A 86 11.96 35.47 2.00
CA ASP A 86 10.93 35.69 2.98
C ASP A 86 10.10 34.45 2.91
N PRO A 87 9.96 33.76 4.04
CA PRO A 87 9.32 32.45 4.07
C PRO A 87 7.83 32.50 3.80
N ASP A 88 7.17 33.59 4.18
CA ASP A 88 5.72 33.68 3.94
C ASP A 88 5.41 33.91 2.49
N GLU A 89 6.25 34.70 1.83
CA GLU A 89 6.10 34.93 0.42
C GLU A 89 6.36 33.63 -0.35
N VAL A 90 7.42 32.92 0.01
CA VAL A 90 7.71 31.63 -0.66
C VAL A 90 6.52 30.68 -0.61
N LEU A 91 5.94 30.58 0.56
CA LEU A 91 4.78 29.72 0.74
C LEU A 91 3.59 30.12 -0.09
N LYS A 92 3.37 31.41 -0.27
CA LYS A 92 2.21 31.88 -1.04
C LYS A 92 2.28 31.51 -2.52
N HIS A 93 3.49 31.24 -3.00
CA HIS A 93 3.69 30.88 -4.41
C HIS A 93 3.79 29.36 -4.64
N ILE A 94 3.47 28.59 -3.61
CA ILE A 94 3.33 27.14 -3.73
C ILE A 94 1.84 26.78 -3.63
N TYR A 95 1.32 26.09 -4.62
CA TYR A 95 -0.10 25.68 -4.61
C TYR A 95 -0.15 24.18 -4.38
N VAL A 96 -0.43 23.76 -3.16
CA VAL A 96 -0.45 22.34 -2.87
C VAL A 96 -1.85 21.79 -2.94
N ALA A 97 -2.02 20.64 -3.61
CA ALA A 97 -3.29 19.91 -3.55
C ALA A 97 -2.98 18.49 -3.13
N ARG A 98 -3.84 17.93 -2.29
CA ARG A 98 -3.70 16.54 -1.85
C ARG A 98 -4.47 15.65 -2.77
N ALA A 99 -3.81 14.65 -3.33
CA ALA A 99 -4.52 13.65 -4.15
C ALA A 99 -5.02 12.51 -3.24
N PHE A 100 -6.33 12.25 -3.28
CA PHE A 100 -7.02 11.30 -2.48
C PHE A 100 -6.82 9.90 -2.99
N ASN A 101 -6.66 9.73 -4.31
CA ASN A 101 -6.47 8.44 -4.97
C ASN A 101 -5.96 8.71 -6.40
N SER A 102 -5.68 7.70 -7.20
CA SER A 102 -5.01 7.93 -8.49
C SER A 102 -5.86 8.63 -9.55
N ASN A 103 -7.19 8.44 -9.51
CA ASN A 103 -8.06 9.16 -10.38
C ASN A 103 -8.16 10.62 -10.05
N HIS A 104 -8.26 10.95 -8.77
CA HIS A 104 -8.24 12.34 -8.37
C HIS A 104 -6.84 12.94 -8.70
N GLN A 105 -5.80 12.16 -8.51
CA GLN A 105 -4.43 12.65 -8.88
C GLN A 105 -4.41 13.03 -10.41
N MET A 106 -5.10 12.24 -11.25
CA MET A 106 -5.15 12.55 -12.67
C MET A 106 -5.92 13.83 -12.94
N LEU A 107 -7.05 13.99 -12.24
CA LEU A 107 -7.84 15.17 -12.40
C LEU A 107 -7.04 16.41 -11.95
N LEU A 108 -6.31 16.30 -10.85
CA LEU A 108 -5.52 17.43 -10.36
C LEU A 108 -4.52 17.99 -11.42
N VAL A 109 -4.00 17.11 -12.28
CA VAL A 109 -3.11 17.55 -13.39
C VAL A 109 -3.83 18.45 -14.39
N GLN A 110 -5.12 18.14 -14.63
CA GLN A 110 -5.99 19.01 -15.46
C GLN A 110 -6.19 20.30 -14.81
N GLN A 111 -6.50 20.29 -13.51
CA GLN A 111 -6.70 21.54 -12.81
C GLN A 111 -5.43 22.35 -12.76
N ALA A 112 -4.28 21.68 -12.71
CA ALA A 112 -3.00 22.39 -12.69
C ALA A 112 -2.89 23.30 -13.95
N GLU A 113 -3.36 22.82 -15.09
CA GLU A 113 -3.34 23.62 -16.31
C GLU A 113 -4.08 24.95 -16.18
N ASP A 114 -5.22 24.98 -15.47
CA ASP A 114 -5.91 26.22 -15.23
C ASP A 114 -5.07 27.22 -14.41
N LYS A 115 -4.47 26.74 -13.34
CA LYS A 115 -3.56 27.60 -12.57
C LYS A 115 -2.35 28.05 -13.41
N ILE A 116 -1.80 27.15 -14.22
CA ILE A 116 -0.66 27.48 -15.08
C ILE A 116 -1.02 28.62 -16.06
N LYS A 117 -2.18 28.50 -16.68
CA LYS A 117 -2.61 29.44 -17.69
C LYS A 117 -2.80 30.80 -17.06
N GLU A 118 -3.32 30.80 -15.86
CA GLU A 118 -3.58 32.03 -15.16
C GLU A 118 -2.27 32.81 -14.93
N LEU A 119 -1.27 32.10 -14.47
CA LEU A 119 -0.01 32.75 -14.13
C LEU A 119 0.96 32.95 -15.25
N LEU A 120 0.66 32.47 -16.46
CA LEU A 120 1.69 32.27 -17.52
C LEU A 120 2.49 33.51 -17.94
N ASN A 121 1.76 34.57 -18.09
CA ASN A 121 2.34 35.78 -18.63
C ASN A 121 2.36 36.85 -17.53
N THR A 122 2.33 36.38 -16.26
CA THR A 122 2.62 37.19 -15.05
C THR A 122 4.10 37.12 -14.67
N ASP A 123 4.47 37.75 -13.55
CA ASP A 123 5.93 37.78 -13.20
C ASP A 123 6.33 36.55 -12.40
N ARG A 124 5.34 35.73 -11.98
CA ARG A 124 5.63 34.49 -11.26
C ARG A 124 4.88 33.32 -11.91
N PRO A 125 5.19 33.06 -13.18
CA PRO A 125 4.58 31.92 -13.81
C PRO A 125 4.97 30.62 -13.10
N VAL A 126 4.12 29.61 -13.22
CA VAL A 126 4.45 28.31 -12.69
C VAL A 126 5.72 27.85 -13.46
N LYS A 127 6.72 27.42 -12.74
CA LYS A 127 7.91 26.86 -13.34
C LYS A 127 8.28 25.43 -12.86
N LEU A 128 7.58 24.97 -11.83
CA LEU A 128 7.79 23.67 -11.22
C LEU A 128 6.45 23.03 -10.87
N LEU A 129 6.27 21.77 -11.30
N LEU A 129 6.27 21.77 -11.30
CA LEU A 129 5.11 20.95 -10.94
CA LEU A 129 5.12 20.95 -10.95
C LEU A 129 5.69 19.70 -10.31
C LEU A 129 5.69 19.69 -10.31
N ILE A 130 5.46 19.55 -9.01
CA ILE A 130 5.85 18.34 -8.22
C ILE A 130 4.71 17.35 -8.12
N VAL A 131 5.00 16.07 -8.36
CA VAL A 131 4.15 14.99 -7.90
C VAL A 131 4.93 14.05 -6.96
N ASP A 132 4.56 14.08 -5.66
CA ASP A 132 5.19 13.33 -4.60
C ASP A 132 4.04 12.65 -3.87
N SER A 133 3.80 11.37 -4.11
CA SER A 133 4.50 10.44 -4.99
C SER A 133 3.77 10.19 -6.32
N LEU A 134 4.52 10.04 -7.40
CA LEU A 134 3.87 9.73 -8.69
C LEU A 134 3.08 8.42 -8.69
N THR A 135 3.57 7.45 -7.92
CA THR A 135 3.13 6.04 -8.06
C THR A 135 2.44 5.40 -6.88
N SER A 136 2.51 6.00 -5.70
CA SER A 136 2.00 5.40 -4.49
C SER A 136 0.50 4.99 -4.58
N HIS A 137 -0.35 5.80 -5.18
CA HIS A 137 -1.75 5.41 -5.31
C HIS A 137 -1.94 4.35 -6.36
N PHE A 138 -1.13 4.43 -7.39
CA PHE A 138 -1.23 3.47 -8.47
C PHE A 138 -0.80 2.10 -7.99
N ARG A 139 0.21 2.03 -7.15
CA ARG A 139 0.64 0.75 -6.59
C ARG A 139 -0.39 0.15 -5.66
N SER A 140 -1.05 1.02 -4.95
CA SER A 140 -1.98 0.60 -3.97
C SER A 140 -3.30 0.12 -4.62
N GLU A 141 -3.75 0.72 -5.72
CA GLU A 141 -5.10 0.48 -6.26
C GLU A 141 -5.15 -0.60 -7.32
N TYR A 142 -4.03 -0.83 -8.01
CA TYR A 142 -4.01 -1.76 -9.13
C TYR A 142 -3.16 -2.93 -8.73
N ILE A 143 -3.83 -4.00 -8.37
CA ILE A 143 -3.10 -5.09 -7.80
C ILE A 143 -3.78 -6.39 -8.18
N GLY A 144 -2.99 -7.37 -8.60
CA GLY A 144 -3.50 -8.67 -8.90
C GLY A 144 -3.52 -8.91 -10.36
N ARG A 145 -4.02 -10.08 -10.76
CA ARG A 145 -3.92 -10.54 -12.16
C ARG A 145 -4.55 -9.57 -13.17
N GLY A 146 -3.76 -9.16 -14.13
CA GLY A 146 -4.19 -8.17 -15.09
C GLY A 146 -3.89 -6.74 -14.66
N ALA A 147 -3.59 -6.49 -13.40
CA ALA A 147 -3.39 -5.11 -13.01
C ALA A 147 -2.09 -4.51 -13.57
N LEU A 148 -1.09 -5.31 -13.99
CA LEU A 148 0.20 -4.78 -14.49
C LEU A 148 -0.01 -3.92 -15.75
N ALA A 149 -0.72 -4.48 -16.73
CA ALA A 149 -1.04 -3.74 -17.94
C ALA A 149 -1.92 -2.54 -17.67
N GLU A 150 -2.94 -2.70 -16.83
CA GLU A 150 -3.85 -1.61 -16.59
C GLU A 150 -3.18 -0.46 -15.80
N ARG A 151 -2.39 -0.80 -14.80
CA ARG A 151 -1.67 0.21 -14.06
C ARG A 151 -0.74 1.00 -15.01
N GLN A 152 -0.01 0.28 -15.85
CA GLN A 152 0.95 0.91 -16.73
C GLN A 152 0.31 1.81 -17.78
N GLN A 153 -0.85 1.39 -18.25
CA GLN A 153 -1.63 2.20 -19.17
C GLN A 153 -2.13 3.53 -18.53
N LYS A 154 -2.66 3.48 -17.31
CA LYS A 154 -3.11 4.68 -16.63
C LYS A 154 -1.94 5.54 -16.32
N LEU A 155 -0.87 4.93 -15.85
CA LEU A 155 0.31 5.72 -15.54
C LEU A 155 0.88 6.42 -16.77
N ALA A 156 0.88 5.74 -17.94
CA ALA A 156 1.40 6.32 -19.19
C ALA A 156 0.58 7.51 -19.64
N LYS A 157 -0.74 7.41 -19.50
CA LYS A 157 -1.65 8.50 -19.75
C LYS A 157 -1.33 9.72 -18.83
N HIS A 158 -1.13 9.48 -17.56
CA HIS A 158 -0.85 10.51 -16.59
C HIS A 158 0.49 11.15 -16.91
N LEU A 159 1.48 10.32 -17.24
CA LEU A 159 2.77 10.85 -17.61
C LEU A 159 2.70 11.64 -18.94
N ALA A 160 1.90 11.18 -19.89
CA ALA A 160 1.69 11.95 -21.11
C ALA A 160 1.13 13.34 -20.76
N ASP A 161 0.17 13.40 -19.83
CA ASP A 161 -0.47 14.67 -19.44
C ASP A 161 0.59 15.59 -18.83
N LEU A 162 1.43 15.02 -18.00
CA LEU A 162 2.56 15.75 -17.38
C LEU A 162 3.58 16.28 -18.36
N HIS A 163 4.01 15.45 -19.31
CA HIS A 163 4.89 15.86 -20.42
C HIS A 163 4.30 16.99 -21.27
N ARG A 164 2.98 16.97 -21.52
CA ARG A 164 2.38 18.06 -22.26
C ARG A 164 2.46 19.36 -21.51
N LEU A 165 2.28 19.37 -20.21
CA LEU A 165 2.33 20.60 -19.45
C LEU A 165 3.76 21.10 -19.41
N ALA A 166 4.68 20.17 -19.20
CA ALA A 166 6.12 20.57 -19.21
C ALA A 166 6.51 21.28 -20.52
N ASN A 167 6.12 20.71 -21.65
CA ASN A 167 6.52 21.17 -22.96
C ASN A 167 5.72 22.38 -23.41
N LEU A 168 4.42 22.36 -23.21
CA LEU A 168 3.53 23.39 -23.64
C LEU A 168 3.75 24.72 -22.88
N TYR A 169 4.05 24.63 -21.58
CA TYR A 169 4.16 25.77 -20.76
C TYR A 169 5.58 26.04 -20.26
N ASP A 170 6.53 25.28 -20.73
CA ASP A 170 7.94 25.48 -20.30
C ASP A 170 8.08 25.37 -18.78
N ILE A 171 7.80 24.20 -18.29
CA ILE A 171 7.77 23.92 -16.87
C ILE A 171 8.65 22.72 -16.56
N ALA A 172 9.28 22.71 -15.40
CA ALA A 172 9.97 21.48 -14.95
C ALA A 172 8.97 20.65 -14.18
N VAL A 173 8.75 19.42 -14.59
CA VAL A 173 8.07 18.47 -13.78
C VAL A 173 9.02 17.57 -12.97
N PHE A 174 8.72 17.41 -11.68
CA PHE A 174 9.55 16.66 -10.77
C PHE A 174 8.69 15.66 -10.01
N VAL A 175 9.01 14.40 -10.21
CA VAL A 175 8.19 13.34 -9.71
C VAL A 175 9.03 12.39 -8.92
N THR A 176 8.45 11.88 -7.86
CA THR A 176 9.09 10.87 -7.02
C THR A 176 8.48 9.48 -7.18
N ASN A 177 9.33 8.50 -6.97
CA ASN A 177 8.93 7.10 -7.04
C ASN A 177 9.70 6.24 -6.02
N GLN A 178 8.97 5.47 -5.23
CA GLN A 178 9.64 4.74 -4.19
C GLN A 178 9.93 3.33 -4.67
N VAL A 179 11.18 2.93 -4.55
CA VAL A 179 11.64 1.63 -5.03
C VAL A 179 12.24 0.86 -3.84
N GLN A 180 11.55 -0.19 -3.40
CA GLN A 180 12.07 -1.21 -2.44
C GLN A 180 13.57 -1.16 -2.15
N HIS A 189 8.06 3.33 -17.15
CA HIS A 189 7.41 4.54 -17.65
C HIS A 189 8.43 5.51 -18.21
N SER A 190 7.92 6.59 -18.79
CA SER A 190 8.68 7.43 -19.70
C SER A 190 9.21 8.75 -19.14
N ALA A 191 9.72 8.80 -17.90
CA ALA A 191 10.43 10.04 -17.44
C ALA A 191 11.49 10.46 -18.45
N THR A 192 11.73 11.76 -18.56
CA THR A 192 12.80 12.29 -19.42
C THR A 192 14.14 11.93 -18.83
N LEU A 193 14.26 12.00 -17.49
CA LEU A 193 15.55 11.77 -16.79
C LEU A 193 15.27 11.04 -15.51
N ARG A 194 16.00 9.96 -15.25
CA ARG A 194 15.83 9.17 -14.03
C ARG A 194 17.03 9.28 -13.12
N VAL A 195 16.77 9.70 -11.88
CA VAL A 195 17.82 9.91 -10.92
C VAL A 195 17.64 8.96 -9.72
N TYR A 196 18.64 8.11 -9.53
CA TYR A 196 18.60 7.13 -8.45
C TYR A 196 19.23 7.75 -7.22
N LEU A 197 18.48 7.74 -6.12
CA LEU A 197 18.89 8.38 -4.87
C LEU A 197 19.01 7.31 -3.78
N ARG A 198 20.12 7.33 -3.05
N ARG A 198 20.12 7.34 -3.05
CA ARG A 198 20.32 6.46 -1.90
CA ARG A 198 20.31 6.46 -1.90
C ARG A 198 21.02 7.17 -0.74
C ARG A 198 21.03 7.16 -0.74
N LYS A 199 20.80 6.65 0.47
CA LYS A 199 21.41 7.15 1.70
C LYS A 199 22.75 6.44 1.81
N GLY A 200 23.83 7.18 2.01
CA GLY A 200 25.17 6.62 2.13
C GLY A 200 25.73 6.73 3.52
N LYS A 201 27.03 6.44 3.68
CA LYS A 201 27.77 6.64 4.92
C LYS A 201 27.74 8.10 5.40
N GLY A 202 27.75 8.29 6.72
CA GLY A 202 27.93 9.62 7.28
C GLY A 202 26.73 10.53 7.08
N GLY A 203 25.57 9.95 6.85
CA GLY A 203 24.35 10.71 6.50
C GLY A 203 24.28 11.31 5.06
N LYS A 204 25.33 11.08 4.27
CA LYS A 204 25.37 11.61 2.91
C LYS A 204 24.30 10.99 2.06
N ARG A 205 23.87 11.71 1.04
CA ARG A 205 23.01 11.14 0.04
C ARG A 205 23.83 11.07 -1.25
N ILE A 206 23.62 10.01 -2.02
CA ILE A 206 24.29 9.81 -3.32
C ILE A 206 23.29 9.72 -4.44
N ALA A 207 23.57 10.44 -5.52
CA ALA A 207 22.75 10.43 -6.72
C ALA A 207 23.51 9.95 -7.95
N ARG A 208 22.81 9.13 -8.71
CA ARG A 208 23.31 8.59 -9.97
C ARG A 208 22.23 8.68 -11.00
N LEU A 209 22.63 9.10 -12.19
CA LEU A 209 21.78 9.10 -13.37
C LEU A 209 21.69 7.71 -14.02
N ILE A 210 20.46 7.31 -14.36
CA ILE A 210 20.23 6.04 -15.01
C ILE A 210 20.02 6.27 -16.51
N ASP A 211 20.87 5.65 -17.33
CA ASP A 211 20.78 5.67 -18.80
C ASP A 211 20.65 7.10 -19.29
N ALA A 212 21.70 7.89 -19.08
CA ALA A 212 21.69 9.32 -19.41
C ALA A 212 23.05 9.79 -20.02
N PRO A 213 23.32 9.38 -21.30
CA PRO A 213 24.61 9.62 -22.00
C PRO A 213 25.02 11.08 -22.10
N HIS A 214 24.03 11.97 -22.22
CA HIS A 214 24.30 13.40 -22.39
C HIS A 214 24.77 14.12 -21.11
N LEU A 215 24.72 13.45 -19.95
CA LEU A 215 25.22 14.04 -18.70
C LEU A 215 26.40 13.23 -18.18
N PRO A 216 27.10 13.73 -17.13
CA PRO A 216 28.20 12.98 -16.44
C PRO A 216 27.80 11.60 -15.81
N GLU A 217 28.73 10.64 -15.81
CA GLU A 217 28.39 9.26 -15.37
C GLU A 217 28.91 8.87 -13.96
N GLY A 218 29.57 9.82 -13.30
CA GLY A 218 29.78 9.76 -11.87
C GLY A 218 28.54 9.84 -11.00
N GLU A 219 28.77 10.19 -9.74
CA GLU A 219 27.72 10.31 -8.76
C GLU A 219 27.93 11.61 -8.03
N ALA A 220 26.82 12.21 -7.69
CA ALA A 220 26.81 13.38 -6.85
C ALA A 220 26.58 12.96 -5.42
N VAL A 221 27.13 13.76 -4.49
CA VAL A 221 27.05 13.51 -3.08
C VAL A 221 26.62 14.80 -2.38
N PHE A 222 25.61 14.70 -1.52
CA PHE A 222 25.11 15.89 -0.82
C PHE A 222 24.54 15.54 0.55
N SER A 223 24.12 16.55 1.29
CA SER A 223 23.57 16.40 2.63
C SER A 223 22.19 17.09 2.67
N ILE A 224 21.40 16.71 3.64
CA ILE A 224 20.12 17.37 3.88
C ILE A 224 20.32 18.23 5.11
N THR A 225 20.13 19.51 4.94
CA THR A 225 20.37 20.46 6.01
C THR A 225 19.22 21.38 6.26
N GLU A 226 19.50 22.37 7.11
CA GLU A 226 18.60 23.45 7.38
C GLU A 226 18.33 24.32 6.13
N LYS A 227 19.21 24.25 5.14
CA LYS A 227 18.99 24.85 3.83
C LYS A 227 18.34 23.91 2.81
N GLY A 228 17.82 22.77 3.21
CA GLY A 228 17.22 21.83 2.29
C GLY A 228 18.26 20.81 1.87
N ILE A 229 18.68 20.79 0.63
CA ILE A 229 19.82 19.98 0.31
C ILE A 229 20.96 20.93 -0.01
N GLU A 230 22.19 20.47 0.19
CA GLU A 230 23.35 21.23 -0.19
C GLU A 230 24.52 20.30 -0.11
N ASP A 231 25.62 20.69 -0.67
CA ASP A 231 26.78 19.77 -0.67
C ASP A 231 27.15 19.40 0.76
N ALA B 2 -9.36 -10.80 -10.71
CA ALA B 2 -10.24 -9.62 -10.63
C ALA B 2 -11.57 -10.02 -10.01
N THR B 3 -12.32 -10.98 -10.55
CA THR B 3 -13.68 -11.20 -9.96
C THR B 3 -13.45 -11.87 -8.60
N ILE B 4 -14.34 -11.61 -7.67
CA ILE B 4 -14.11 -12.17 -6.37
C ILE B 4 -14.73 -13.55 -6.22
N GLY B 5 -14.01 -14.46 -5.56
CA GLY B 5 -14.56 -15.73 -5.14
C GLY B 5 -15.22 -15.70 -3.74
N ARG B 6 -16.07 -16.69 -3.52
CA ARG B 6 -16.76 -16.83 -2.26
C ARG B 6 -16.64 -18.27 -1.77
N ILE B 7 -16.25 -18.43 -0.50
CA ILE B 7 -16.13 -19.73 0.15
C ILE B 7 -17.27 -19.91 1.11
N SER B 8 -18.10 -20.92 0.84
CA SER B 8 -19.18 -21.28 1.76
C SER B 8 -18.62 -21.70 3.13
N THR B 9 -19.28 -21.28 4.17
CA THR B 9 -18.95 -21.64 5.56
C THR B 9 -19.46 -22.99 6.03
N GLY B 10 -20.36 -23.62 5.29
CA GLY B 10 -21.09 -24.81 5.76
C GLY B 10 -22.50 -24.47 6.21
N SER B 11 -22.72 -23.22 6.62
CA SER B 11 -24.05 -22.77 7.08
C SER B 11 -24.65 -21.87 6.04
N LYS B 12 -25.83 -22.25 5.57
CA LYS B 12 -26.64 -21.45 4.70
C LYS B 12 -27.02 -20.10 5.31
N SER B 13 -27.34 -20.11 6.58
CA SER B 13 -27.62 -18.88 7.28
C SER B 13 -26.43 -17.92 7.25
N LEU B 14 -25.29 -18.42 7.68
CA LEU B 14 -24.06 -17.59 7.71
C LEU B 14 -23.67 -17.11 6.30
N ASP B 15 -23.71 -18.02 5.32
CA ASP B 15 -23.47 -17.65 3.94
C ASP B 15 -24.34 -16.49 3.49
N LYS B 16 -25.65 -16.53 3.80
CA LYS B 16 -26.52 -15.45 3.34
C LYS B 16 -26.07 -14.15 3.96
N LEU B 17 -25.84 -14.15 5.26
CA LEU B 17 -25.34 -12.97 5.94
C LEU B 17 -24.05 -12.45 5.29
N LEU B 18 -23.23 -13.39 4.81
CA LEU B 18 -21.93 -13.02 4.22
C LEU B 18 -21.99 -12.66 2.72
N GLY B 19 -23.18 -12.73 2.14
CA GLY B 19 -23.34 -12.47 0.70
C GLY B 19 -22.95 -13.60 -0.15
N GLY B 20 -22.96 -14.81 0.41
CA GLY B 20 -22.64 -16.04 -0.33
C GLY B 20 -21.47 -16.79 0.27
N GLY B 21 -20.67 -16.11 1.10
CA GLY B 21 -19.57 -16.78 1.76
C GLY B 21 -18.44 -15.83 2.01
N ILE B 22 -17.34 -16.33 2.57
CA ILE B 22 -16.23 -15.36 2.76
C ILE B 22 -15.54 -15.01 1.42
N GLU B 23 -15.12 -13.75 1.26
CA GLU B 23 -14.62 -13.25 0.02
C GLU B 23 -13.09 -13.41 -0.16
N THR B 24 -12.67 -13.72 -1.36
CA THR B 24 -11.26 -13.54 -1.78
C THR B 24 -11.06 -12.02 -1.95
N GLN B 25 -9.80 -11.61 -1.95
CA GLN B 25 -9.40 -10.26 -1.99
C GLN B 25 -9.94 -9.48 -0.79
N ALA B 26 -9.98 -10.14 0.35
CA ALA B 26 -10.50 -9.53 1.55
C ALA B 26 -9.94 -10.22 2.73
N ILE B 27 -9.85 -9.49 3.81
CA ILE B 27 -9.61 -10.07 5.11
C ILE B 27 -10.95 -10.08 5.84
N THR B 28 -11.43 -11.29 6.17
CA THR B 28 -12.56 -11.45 7.03
C THR B 28 -12.14 -11.81 8.47
N GLU B 29 -12.52 -10.96 9.43
CA GLU B 29 -12.22 -11.13 10.86
C GLU B 29 -13.44 -11.66 11.58
N VAL B 30 -13.26 -12.82 12.21
CA VAL B 30 -14.23 -13.28 13.17
C VAL B 30 -13.74 -12.98 14.58
N PHE B 31 -14.64 -12.40 15.38
CA PHE B 31 -14.27 -12.03 16.74
C PHE B 31 -15.36 -12.36 17.69
N GLY B 32 -14.89 -12.82 18.83
CA GLY B 32 -15.83 -13.23 19.87
C GLY B 32 -15.12 -13.87 21.07
N GLU B 33 -15.88 -14.19 22.10
CA GLU B 33 -15.28 -14.77 23.31
C GLU B 33 -14.66 -16.12 23.13
N PHE B 34 -13.74 -16.48 24.03
CA PHE B 34 -13.31 -17.88 24.11
C PHE B 34 -14.54 -18.82 24.03
N GLY B 35 -14.40 -19.88 23.24
CA GLY B 35 -15.43 -20.91 23.05
C GLY B 35 -16.58 -20.57 22.16
N SER B 36 -16.54 -19.38 21.50
CA SER B 36 -17.64 -18.94 20.65
C SER B 36 -17.62 -19.72 19.36
N GLY B 37 -16.48 -20.29 18.95
CA GLY B 37 -16.44 -21.06 17.72
C GLY B 37 -15.56 -20.60 16.58
N LYS B 38 -14.65 -19.67 16.86
CA LYS B 38 -13.81 -19.05 15.86
C LYS B 38 -12.93 -20.09 15.16
N THR B 39 -12.38 -20.99 15.95
CA THR B 39 -11.41 -22.00 15.43
C THR B 39 -12.18 -23.11 14.70
N GLN B 40 -13.41 -23.40 15.17
CA GLN B 40 -14.23 -24.42 14.48
C GLN B 40 -14.65 -23.91 13.09
N LEU B 41 -15.04 -22.65 13.00
CA LEU B 41 -15.26 -22.01 11.70
C LEU B 41 -14.03 -22.05 10.81
N ALA B 42 -12.88 -21.73 11.36
CA ALA B 42 -11.67 -21.86 10.58
C ALA B 42 -11.48 -23.31 10.07
N HIS B 43 -11.69 -24.32 10.93
CA HIS B 43 -11.58 -25.72 10.49
C HIS B 43 -12.48 -26.05 9.37
N THR B 44 -13.73 -25.58 9.44
CA THR B 44 -14.71 -25.87 8.44
C THR B 44 -14.32 -25.21 7.10
N LEU B 45 -13.92 -23.96 7.16
CA LEU B 45 -13.51 -23.23 5.98
C LEU B 45 -12.32 -23.87 5.26
N ALA B 46 -11.39 -24.42 6.03
CA ALA B 46 -10.23 -25.12 5.47
C ALA B 46 -10.63 -26.37 4.68
N VAL B 47 -11.88 -26.83 4.90
CA VAL B 47 -12.40 -27.99 4.17
C VAL B 47 -13.24 -27.46 3.06
N MET B 48 -14.21 -26.61 3.40
CA MET B 48 -15.09 -26.03 2.39
C MET B 48 -14.35 -25.48 1.14
N VAL B 49 -13.20 -24.82 1.35
CA VAL B 49 -12.53 -24.15 0.25
C VAL B 49 -12.02 -25.15 -0.80
N GLN B 50 -11.85 -26.40 -0.40
CA GLN B 50 -11.39 -27.44 -1.30
C GLN B 50 -12.48 -28.05 -2.12
N LEU B 51 -13.73 -27.73 -1.82
CA LEU B 51 -14.81 -28.14 -2.72
C LEU B 51 -14.76 -27.41 -4.10
N PRO B 52 -15.31 -28.05 -5.13
CA PRO B 52 -15.47 -27.39 -6.38
C PRO B 52 -16.49 -26.24 -6.22
N PRO B 53 -16.51 -25.30 -7.16
CA PRO B 53 -17.29 -24.10 -7.00
C PRO B 53 -18.81 -24.35 -6.87
N GLU B 54 -19.33 -25.32 -7.59
CA GLU B 54 -20.76 -25.64 -7.54
C GLU B 54 -21.13 -26.27 -6.21
N GLU B 55 -20.15 -26.67 -5.43
CA GLU B 55 -20.41 -27.01 -4.05
C GLU B 55 -20.02 -25.92 -3.04
N GLY B 56 -19.65 -24.72 -3.47
CA GLY B 56 -19.39 -23.62 -2.59
C GLY B 56 -17.92 -23.40 -2.26
N GLY B 57 -17.06 -24.17 -2.88
CA GLY B 57 -15.59 -23.99 -2.75
C GLY B 57 -14.88 -23.31 -3.90
N LEU B 58 -13.57 -23.33 -3.88
CA LEU B 58 -12.79 -22.77 -4.91
C LEU B 58 -11.67 -23.72 -5.39
N ASN B 59 -11.78 -25.03 -5.19
CA ASN B 59 -10.70 -25.97 -5.53
C ASN B 59 -9.37 -25.54 -4.96
N GLY B 60 -9.38 -24.94 -3.77
CA GLY B 60 -8.20 -24.28 -3.24
C GLY B 60 -7.42 -25.04 -2.20
N SER B 61 -6.12 -24.72 -2.12
CA SER B 61 -5.28 -25.08 -1.04
C SER B 61 -5.43 -24.03 0.07
N VAL B 62 -4.99 -24.43 1.26
CA VAL B 62 -5.05 -23.65 2.47
C VAL B 62 -3.64 -23.43 3.09
N ILE B 63 -3.33 -22.18 3.48
CA ILE B 63 -2.24 -21.92 4.42
C ILE B 63 -2.83 -21.47 5.80
N TRP B 64 -2.34 -22.04 6.89
CA TRP B 64 -2.88 -21.86 8.25
C TRP B 64 -1.76 -21.53 9.15
N ILE B 65 -1.79 -20.31 9.67
CA ILE B 65 -0.83 -19.85 10.69
C ILE B 65 -1.52 -19.93 12.07
N ASP B 66 -1.06 -20.91 12.86
CA ASP B 66 -1.62 -21.27 14.14
C ASP B 66 -0.80 -20.68 15.26
N THR B 67 -1.45 -19.93 16.15
CA THR B 67 -0.70 -19.28 17.25
C THR B 67 -0.94 -19.88 18.61
N GLU B 68 -1.92 -20.78 18.74
CA GLU B 68 -2.33 -21.28 20.05
C GLU B 68 -2.41 -22.78 20.06
N ASN B 69 -1.83 -23.41 19.06
CA ASN B 69 -1.84 -24.85 18.89
C ASN B 69 -3.20 -25.47 18.97
N THR B 70 -4.20 -24.85 18.36
CA THR B 70 -5.55 -25.43 18.35
C THR B 70 -5.94 -26.08 17.02
N PHE B 71 -5.04 -26.10 16.04
CA PHE B 71 -5.33 -26.87 14.81
C PHE B 71 -5.42 -28.37 15.18
N ARG B 72 -6.42 -29.08 14.66
CA ARG B 72 -6.62 -30.51 14.90
C ARG B 72 -6.81 -31.23 13.57
N PRO B 73 -5.75 -31.90 13.08
CA PRO B 73 -5.94 -32.64 11.83
C PRO B 73 -7.07 -33.64 11.84
N GLU B 74 -7.39 -34.24 13.00
CA GLU B 74 -8.51 -35.21 13.02
C GLU B 74 -9.87 -34.51 12.90
N ARG B 75 -9.95 -33.25 13.35
CA ARG B 75 -11.17 -32.49 13.14
C ARG B 75 -11.35 -32.20 11.62
N ILE B 76 -10.27 -31.90 10.94
CA ILE B 76 -10.30 -31.70 9.47
C ILE B 76 -10.73 -32.97 8.73
N ARG B 77 -10.18 -34.10 9.15
CA ARG B 77 -10.53 -35.39 8.57
C ARG B 77 -12.02 -35.67 8.81
N GLU B 78 -12.49 -35.40 10.01
CA GLU B 78 -13.90 -35.62 10.34
C GLU B 78 -14.85 -34.79 9.51
N ILE B 79 -14.60 -33.48 9.43
CA ILE B 79 -15.40 -32.61 8.63
C ILE B 79 -15.37 -32.99 7.12
N ALA B 80 -14.19 -33.30 6.64
CA ALA B 80 -14.06 -33.74 5.24
C ALA B 80 -14.87 -34.99 4.94
N GLN B 81 -14.72 -36.00 5.82
CA GLN B 81 -15.34 -37.29 5.59
C GLN B 81 -16.84 -37.10 5.58
N ASN B 82 -17.34 -36.31 6.50
CA ASN B 82 -18.78 -36.14 6.62
C ASN B 82 -19.34 -35.23 5.57
N ARG B 83 -18.51 -34.60 4.77
CA ARG B 83 -19.04 -33.86 3.63
C ARG B 83 -18.72 -34.52 2.29
N GLY B 84 -18.29 -35.77 2.33
CA GLY B 84 -18.05 -36.55 1.10
C GLY B 84 -16.71 -36.32 0.41
N LEU B 85 -15.74 -35.74 1.13
CA LEU B 85 -14.38 -35.57 0.64
C LEU B 85 -13.49 -36.64 1.21
N ASP B 86 -12.37 -36.89 0.53
CA ASP B 86 -11.36 -37.81 1.06
C ASP B 86 -10.62 -37.03 2.09
N PRO B 87 -10.60 -37.52 3.34
CA PRO B 87 -9.96 -36.78 4.43
C PRO B 87 -8.44 -36.65 4.33
N ASP B 88 -7.79 -37.65 3.75
CA ASP B 88 -6.34 -37.60 3.61
C ASP B 88 -5.91 -36.62 2.56
N GLU B 89 -6.68 -36.56 1.49
CA GLU B 89 -6.41 -35.61 0.41
C GLU B 89 -6.66 -34.18 0.95
N VAL B 90 -7.76 -33.97 1.64
CA VAL B 90 -8.03 -32.64 2.23
C VAL B 90 -6.85 -32.15 3.09
N LEU B 91 -6.32 -33.03 3.93
CA LEU B 91 -5.25 -32.67 4.83
C LEU B 91 -3.97 -32.32 4.10
N LYS B 92 -3.68 -33.00 3.02
CA LYS B 92 -2.47 -32.73 2.24
C LYS B 92 -2.45 -31.34 1.58
N HIS B 93 -3.62 -30.72 1.40
CA HIS B 93 -3.71 -29.42 0.80
C HIS B 93 -3.82 -28.31 1.83
N ILE B 94 -3.61 -28.64 3.10
CA ILE B 94 -3.53 -27.63 4.18
C ILE B 94 -2.09 -27.53 4.67
N TYR B 95 -1.51 -26.34 4.60
CA TYR B 95 -0.11 -26.13 5.02
C TYR B 95 -0.11 -25.37 6.33
N VAL B 96 0.07 -26.08 7.44
CA VAL B 96 0.01 -25.43 8.76
C VAL B 96 1.37 -25.08 9.27
N ALA B 97 1.53 -23.84 9.75
CA ALA B 97 2.77 -23.48 10.42
C ALA B 97 2.37 -22.87 11.78
N ARG B 98 3.14 -23.23 12.80
CA ARG B 98 2.94 -22.72 14.17
C ARG B 98 3.75 -21.48 14.37
N ALA B 99 3.10 -20.41 14.77
CA ALA B 99 3.84 -19.18 15.05
C ALA B 99 4.23 -19.17 16.49
N PHE B 100 5.51 -18.95 16.75
CA PHE B 100 6.11 -19.05 18.03
C PHE B 100 5.88 -17.76 18.81
N ASN B 101 5.81 -16.62 18.10
CA ASN B 101 5.61 -15.30 18.68
C ASN B 101 5.24 -14.36 17.58
N SER B 102 5.00 -13.09 17.87
CA SER B 102 4.43 -12.20 16.84
C SER B 102 5.39 -11.86 15.69
N ASN B 103 6.70 -11.85 15.95
CA ASN B 103 7.64 -11.61 14.92
C ASN B 103 7.75 -12.77 13.98
N HIS B 104 7.70 -13.98 14.50
CA HIS B 104 7.75 -15.18 13.66
C HIS B 104 6.42 -15.29 12.90
N GLN B 105 5.33 -14.91 13.54
CA GLN B 105 4.04 -14.84 12.83
C GLN B 105 4.14 -13.91 11.59
N MET B 106 4.83 -12.77 11.76
CA MET B 106 5.03 -11.84 10.63
C MET B 106 5.91 -12.43 9.52
N LEU B 107 7.01 -13.09 9.92
CA LEU B 107 7.83 -13.79 8.95
C LEU B 107 7.05 -14.88 8.19
N LEU B 108 6.22 -15.66 8.87
CA LEU B 108 5.44 -16.74 8.21
C LEU B 108 4.59 -16.28 6.96
N VAL B 109 4.12 -15.01 7.17
CA VAL B 109 3.29 -14.36 6.10
C VAL B 109 4.11 -14.20 4.84
N GLN B 110 5.39 -13.88 5.04
CA GLN B 110 6.34 -13.76 3.91
C GLN B 110 6.55 -15.09 3.30
N GLN B 111 6.74 -16.12 4.14
CA GLN B 111 6.89 -17.46 3.63
C GLN B 111 5.66 -17.98 2.96
N ALA B 112 4.49 -17.55 3.43
CA ALA B 112 3.24 -17.94 2.82
C ALA B 112 3.27 -17.52 1.32
N GLU B 113 3.82 -16.36 1.02
CA GLU B 113 3.95 -15.89 -0.37
C GLU B 113 4.73 -16.85 -1.29
N ASP B 114 5.80 -17.46 -0.79
CA ASP B 114 6.50 -18.42 -1.61
C ASP B 114 5.60 -19.64 -1.94
N LYS B 115 4.86 -20.14 -0.96
CA LYS B 115 3.95 -21.26 -1.21
C LYS B 115 2.82 -20.85 -2.13
N ILE B 116 2.31 -19.62 -1.96
CA ILE B 116 1.26 -19.13 -2.83
C ILE B 116 1.73 -19.09 -4.32
N LYS B 117 2.95 -18.60 -4.54
CA LYS B 117 3.49 -18.42 -5.86
C LYS B 117 3.68 -19.76 -6.53
N GLU B 118 4.11 -20.70 -5.75
CA GLU B 118 4.37 -22.03 -6.24
C GLU B 118 3.06 -22.65 -6.79
N LEU B 119 1.99 -22.52 -6.04
CA LEU B 119 0.76 -23.14 -6.41
C LEU B 119 -0.13 -22.37 -7.32
N LEU B 120 0.23 -21.12 -7.67
CA LEU B 120 -0.71 -20.14 -8.23
C LEU B 120 -1.41 -20.55 -9.54
N ASN B 121 -0.63 -21.15 -10.39
CA ASN B 121 -1.12 -21.48 -11.72
C ASN B 121 -1.22 -22.97 -11.89
N THR B 122 -1.29 -23.66 -10.75
CA THR B 122 -1.66 -25.08 -10.67
C THR B 122 -3.16 -25.25 -10.53
N ASP B 123 -3.63 -26.49 -10.38
CA ASP B 123 -5.10 -26.74 -10.26
C ASP B 123 -5.60 -26.63 -8.80
N ARG B 124 -4.67 -26.47 -7.84
CA ARG B 124 -5.02 -26.25 -6.45
C ARG B 124 -4.25 -25.04 -5.88
N PRO B 125 -4.49 -23.90 -6.47
CA PRO B 125 -3.87 -22.71 -5.93
C PRO B 125 -4.39 -22.41 -4.48
N VAL B 126 -3.58 -21.70 -3.70
CA VAL B 126 -3.96 -21.26 -2.37
C VAL B 126 -5.14 -20.32 -2.51
N LYS B 127 -6.25 -20.62 -1.84
CA LYS B 127 -7.41 -19.78 -1.89
C LYS B 127 -7.86 -19.23 -0.51
N LEU B 128 -7.26 -19.79 0.54
CA LEU B 128 -7.57 -19.45 1.92
C LEU B 128 -6.30 -19.39 2.72
N LEU B 129 -6.12 -18.27 3.43
CA LEU B 129 -5.02 -18.07 4.38
C LEU B 129 -5.67 -17.73 5.74
N ILE B 130 -5.52 -18.64 6.69
CA ILE B 130 -6.03 -18.52 8.07
C ILE B 130 -4.94 -18.05 8.98
N VAL B 131 -5.26 -17.04 9.80
CA VAL B 131 -4.46 -16.76 10.99
C VAL B 131 -5.31 -16.84 12.25
N ASP B 132 -5.04 -17.86 13.05
CA ASP B 132 -5.82 -18.18 14.23
C ASP B 132 -4.79 -18.41 15.32
N SER B 133 -4.56 -17.43 16.20
CA SER B 133 -5.21 -16.11 16.31
C SER B 133 -4.39 -14.95 15.71
N LEU B 134 -5.05 -13.96 15.14
CA LEU B 134 -4.33 -12.78 14.63
C LEU B 134 -3.57 -12.00 15.70
N THR B 135 -4.15 -11.97 16.91
CA THR B 135 -3.78 -11.01 17.96
C THR B 135 -3.23 -11.59 19.24
N SER B 136 -3.32 -12.91 19.45
CA SER B 136 -2.95 -13.49 20.73
C SER B 136 -1.50 -13.19 21.12
N HIS B 137 -0.58 -13.29 20.18
CA HIS B 137 0.83 -12.99 20.51
C HIS B 137 1.07 -11.52 20.71
N PHE B 138 0.32 -10.72 19.96
CA PHE B 138 0.45 -9.28 20.08
C PHE B 138 -0.05 -8.78 21.43
N ARG B 139 -1.14 -9.37 21.93
CA ARG B 139 -1.68 -9.00 23.22
C ARG B 139 -0.76 -9.43 24.33
N SER B 140 -0.13 -10.55 24.12
CA SER B 140 0.70 -11.13 25.12
C SER B 140 2.08 -10.38 25.23
N GLU B 141 2.62 -9.87 24.13
CA GLU B 141 3.99 -9.35 24.10
C GLU B 141 4.09 -7.88 24.31
N TYR B 142 3.06 -7.12 23.91
CA TYR B 142 3.17 -5.65 23.95
C TYR B 142 2.37 -5.15 25.12
N ILE B 143 3.05 -4.90 26.21
CA ILE B 143 2.40 -4.65 27.48
C ILE B 143 3.16 -3.56 28.21
N GLY B 144 2.45 -2.54 28.66
CA GLY B 144 3.06 -1.50 29.44
C GLY B 144 3.09 -0.20 28.69
N ARG B 145 3.56 0.83 29.40
CA ARG B 145 3.55 2.20 28.90
C ARG B 145 4.26 2.34 27.53
N GLY B 146 3.55 2.87 26.55
CA GLY B 146 4.06 2.99 25.20
C GLY B 146 3.82 1.78 24.33
N ALA B 147 3.44 0.66 24.90
CA ALA B 147 3.18 -0.50 24.05
C ALA B 147 1.95 -0.38 23.12
N LEU B 148 0.95 0.46 23.46
N LEU B 148 0.95 0.43 23.47
CA LEU B 148 -0.28 0.55 22.69
CA LEU B 148 -0.26 0.50 22.68
C LEU B 148 0.00 0.99 21.26
C LEU B 148 0.06 0.93 21.26
N ALA B 149 0.77 2.06 21.11
CA ALA B 149 1.13 2.56 19.79
C ALA B 149 2.00 1.55 19.07
N GLU B 150 2.97 0.96 19.75
CA GLU B 150 3.87 0.06 19.10
C GLU B 150 3.15 -1.26 18.66
N ARG B 151 2.31 -1.79 19.52
CA ARG B 151 1.53 -2.94 19.13
C ARG B 151 0.69 -2.65 17.86
N GLN B 152 0.02 -1.52 17.86
CA GLN B 152 -0.89 -1.17 16.77
C GLN B 152 -0.15 -0.96 15.46
N GLN B 153 1.04 -0.37 15.57
CA GLN B 153 1.89 -0.19 14.42
C GLN B 153 2.35 -1.53 13.78
N LYS B 154 2.82 -2.45 14.61
CA LYS B 154 3.22 -3.76 14.11
C LYS B 154 2.03 -4.50 13.55
N LEU B 155 0.92 -4.44 14.26
CA LEU B 155 -0.25 -5.15 13.77
C LEU B 155 -0.72 -4.59 12.43
N ALA B 156 -0.66 -3.27 12.25
CA ALA B 156 -1.10 -2.63 10.98
C ALA B 156 -0.22 -3.07 9.83
N LYS B 157 1.07 -3.18 10.07
CA LYS B 157 2.02 -3.67 9.11
C LYS B 157 1.69 -5.11 8.70
N HIS B 158 1.42 -5.95 9.67
CA HIS B 158 1.06 -7.35 9.48
C HIS B 158 -0.23 -7.43 8.65
N LEU B 159 -1.21 -6.61 9.01
CA LEU B 159 -2.46 -6.60 8.29
C LEU B 159 -2.29 -6.06 6.86
N ALA B 160 -1.40 -5.08 6.68
CA ALA B 160 -1.07 -4.63 5.34
C ALA B 160 -0.47 -5.79 4.50
N ASP B 161 0.38 -6.61 5.10
CA ASP B 161 1.01 -7.72 4.38
C ASP B 161 -0.07 -8.72 3.95
N LEU B 162 -0.97 -9.00 4.86
CA LEU B 162 -2.10 -9.89 4.61
C LEU B 162 -3.01 -9.38 3.50
N HIS B 163 -3.37 -8.11 3.53
CA HIS B 163 -4.15 -7.47 2.46
C HIS B 163 -3.49 -7.57 1.11
N ARG B 164 -2.16 -7.38 1.04
CA ARG B 164 -1.48 -7.54 -0.23
C ARG B 164 -1.60 -8.92 -0.75
N LEU B 165 -1.51 -9.95 0.07
CA LEU B 165 -1.57 -11.30 -0.42
C LEU B 165 -3.00 -11.60 -0.89
N ALA B 166 -3.97 -11.16 -0.09
CA ALA B 166 -5.38 -11.37 -0.49
C ALA B 166 -5.63 -10.79 -1.90
N ASN B 167 -5.17 -9.57 -2.12
CA ASN B 167 -5.47 -8.83 -3.36
C ASN B 167 -4.58 -9.24 -4.51
N LEU B 168 -3.29 -9.44 -4.29
CA LEU B 168 -2.36 -9.80 -5.30
C LEU B 168 -2.62 -11.18 -5.89
N TYR B 169 -2.98 -12.13 -5.01
CA TYR B 169 -3.10 -13.49 -5.38
C TYR B 169 -4.55 -14.01 -5.37
N ASP B 170 -5.48 -13.13 -5.21
CA ASP B 170 -6.93 -13.53 -5.17
C ASP B 170 -7.17 -14.64 -4.17
N ILE B 171 -6.97 -14.29 -2.93
CA ILE B 171 -7.06 -15.21 -1.80
C ILE B 171 -8.05 -14.66 -0.75
N ALA B 172 -8.77 -15.53 -0.07
CA ALA B 172 -9.53 -15.09 1.13
C ALA B 172 -8.65 -15.21 2.38
N VAL B 173 -8.42 -14.12 3.09
CA VAL B 173 -7.81 -14.17 4.36
C VAL B 173 -8.85 -14.20 5.50
N PHE B 174 -8.68 -15.13 6.42
CA PHE B 174 -9.56 -15.34 7.51
C PHE B 174 -8.81 -15.37 8.83
N VAL B 175 -9.17 -14.41 9.67
CA VAL B 175 -8.44 -14.15 10.86
C VAL B 175 -9.37 -14.15 12.04
N THR B 176 -8.89 -14.69 13.14
CA THR B 176 -9.62 -14.69 14.38
C THR B 176 -9.04 -13.74 15.40
N ASN B 177 -9.95 -13.21 16.21
CA ASN B 177 -9.57 -12.28 17.30
C ASN B 177 -10.43 -12.48 18.54
N GLN B 178 -9.80 -12.61 19.68
CA GLN B 178 -10.58 -12.98 20.87
C GLN B 178 -10.88 -11.75 21.71
N VAL B 179 -12.14 -11.59 22.07
CA VAL B 179 -12.58 -10.44 22.83
C VAL B 179 -12.83 -10.85 24.26
N LEU B 187 -8.82 -6.11 18.69
CA LEU B 187 -8.16 -4.84 18.92
C LEU B 187 -8.62 -3.79 17.89
N ALA B 188 -7.73 -2.90 17.45
CA ALA B 188 -8.10 -1.89 16.43
C ALA B 188 -7.31 -2.13 15.19
N HIS B 189 -7.99 -2.24 14.05
CA HIS B 189 -7.30 -2.54 12.82
C HIS B 189 -8.26 -2.62 11.63
N SER B 190 -7.68 -2.83 10.46
CA SER B 190 -8.35 -2.62 9.19
C SER B 190 -8.91 -3.86 8.46
N ALA B 191 -9.50 -4.82 9.15
CA ALA B 191 -10.19 -5.93 8.43
C ALA B 191 -11.15 -5.37 7.37
N THR B 192 -11.32 -6.11 6.27
CA THR B 192 -12.31 -5.75 5.27
C THR B 192 -13.72 -5.94 5.87
N LEU B 193 -13.93 -7.04 6.64
CA LEU B 193 -15.27 -7.40 7.13
C LEU B 193 -15.11 -7.98 8.50
N ARG B 194 -15.89 -7.48 9.46
CA ARG B 194 -15.83 -7.94 10.85
C ARG B 194 -17.10 -8.64 11.24
N VAL B 195 -16.94 -9.87 11.71
CA VAL B 195 -18.04 -10.73 12.08
C VAL B 195 -17.97 -11.05 13.57
N TYR B 196 -19.02 -10.64 14.28
CA TYR B 196 -19.11 -10.88 15.72
C TYR B 196 -19.82 -12.21 15.94
N LEU B 197 -19.17 -13.10 16.68
CA LEU B 197 -19.63 -14.45 16.94
C LEU B 197 -19.87 -14.64 18.44
N ARG B 198 -21.03 -15.16 18.81
CA ARG B 198 -21.35 -15.46 20.21
C ARG B 198 -22.15 -16.79 20.33
N LYS B 199 -22.01 -17.44 21.50
CA LYS B 199 -22.67 -18.69 21.83
C LYS B 199 -24.05 -18.30 22.32
N GLY B 200 -25.12 -18.88 21.78
CA GLY B 200 -26.49 -18.58 22.23
C GLY B 200 -27.14 -19.73 22.98
N LYS B 201 -28.47 -19.66 23.22
CA LYS B 201 -29.24 -20.76 23.78
C LYS B 201 -29.17 -22.03 22.96
N GLY B 202 -29.20 -23.17 23.64
CA GLY B 202 -29.36 -24.45 22.93
C GLY B 202 -28.11 -24.84 22.16
N GLY B 203 -26.97 -24.31 22.57
CA GLY B 203 -25.73 -24.56 21.87
C GLY B 203 -25.57 -23.83 20.52
N LYS B 204 -26.57 -23.06 20.09
CA LYS B 204 -26.51 -22.32 18.82
C LYS B 204 -25.40 -21.29 18.83
N ARG B 205 -24.93 -20.94 17.66
CA ARG B 205 -24.05 -19.80 17.53
C ARG B 205 -24.75 -18.73 16.70
N ILE B 206 -24.54 -17.46 17.07
CA ILE B 206 -25.07 -16.31 16.39
C ILE B 206 -23.99 -15.44 15.85
N ALA B 207 -24.14 -15.07 14.59
CA ALA B 207 -23.24 -14.14 13.94
C ALA B 207 -23.94 -12.85 13.51
N ARG B 208 -23.22 -11.77 13.73
CA ARG B 208 -23.62 -10.43 13.33
C ARG B 208 -22.47 -9.74 12.67
N LEU B 209 -22.76 -9.04 11.58
CA LEU B 209 -21.80 -8.16 10.92
C LEU B 209 -21.71 -6.80 11.59
N ILE B 210 -20.49 -6.31 11.76
CA ILE B 210 -20.26 -5.01 12.38
C ILE B 210 -19.91 -3.99 11.32
N ASP B 211 -20.72 -2.93 11.26
CA ASP B 211 -20.52 -1.81 10.33
C ASP B 211 -20.31 -2.32 8.91
N ALA B 212 -21.34 -2.94 8.34
CA ALA B 212 -21.26 -3.56 7.02
C ALA B 212 -22.56 -3.33 6.19
N PRO B 213 -22.76 -2.07 5.72
CA PRO B 213 -23.99 -1.62 5.02
C PRO B 213 -24.36 -2.43 3.78
N HIS B 214 -23.35 -2.91 3.05
CA HIS B 214 -23.57 -3.66 1.81
C HIS B 214 -24.08 -5.09 2.00
N LEU B 215 -24.09 -5.60 3.23
CA LEU B 215 -24.65 -6.93 3.50
C LEU B 215 -25.92 -6.78 4.39
N PRO B 216 -26.69 -7.89 4.58
CA PRO B 216 -27.85 -7.91 5.51
C PRO B 216 -27.53 -7.54 7.00
N GLU B 217 -28.48 -6.90 7.69
CA GLU B 217 -28.22 -6.41 9.07
C GLU B 217 -28.85 -7.26 10.21
N GLY B 218 -29.55 -8.32 9.82
CA GLY B 218 -29.91 -9.39 10.75
C GLY B 218 -28.72 -10.19 11.30
N GLU B 219 -29.02 -11.39 11.75
CA GLU B 219 -28.06 -12.29 12.35
C GLU B 219 -28.26 -13.67 11.81
N ALA B 220 -27.17 -14.35 11.65
CA ALA B 220 -27.18 -15.74 11.24
C ALA B 220 -27.06 -16.60 12.48
N VAL B 221 -27.62 -17.83 12.39
CA VAL B 221 -27.66 -18.76 13.46
C VAL B 221 -27.24 -20.09 12.89
N PHE B 222 -26.33 -20.76 13.59
CA PHE B 222 -25.87 -22.06 13.15
C PHE B 222 -25.42 -22.92 14.33
N SER B 223 -24.99 -24.15 14.04
CA SER B 223 -24.57 -25.12 15.04
C SER B 223 -23.19 -25.64 14.63
N ILE B 224 -22.47 -26.17 15.60
CA ILE B 224 -21.18 -26.81 15.34
C ILE B 224 -21.45 -28.30 15.39
N THR B 225 -21.23 -28.99 14.31
CA THR B 225 -21.53 -30.41 14.21
C THR B 225 -20.35 -31.24 13.71
N GLU B 226 -20.65 -32.52 13.44
CA GLU B 226 -19.72 -33.43 12.83
C GLU B 226 -19.37 -33.03 11.41
N LYS B 227 -20.19 -32.19 10.80
CA LYS B 227 -19.84 -31.51 9.54
C LYS B 227 -19.14 -30.15 9.70
N GLY B 228 -18.65 -29.80 10.88
CA GLY B 228 -18.00 -28.49 11.10
C GLY B 228 -19.05 -27.48 11.54
N ILE B 229 -19.39 -26.50 10.73
CA ILE B 229 -20.54 -25.71 11.08
C ILE B 229 -21.63 -26.00 10.07
N GLU B 230 -22.87 -25.84 10.47
CA GLU B 230 -24.00 -25.96 9.58
C GLU B 230 -25.23 -25.39 10.25
N ASP B 231 -26.28 -25.13 9.50
CA ASP B 231 -27.45 -24.51 10.14
C ASP B 231 -27.92 -25.41 11.30
PB ADP C . 11.71 9.95 1.12
O1B ADP C . 11.13 8.74 1.87
O2B ADP C . 12.76 9.56 0.06
O3B ADP C . 10.79 10.98 0.62
PA ADP C . 12.60 12.16 2.80
O1A ADP C . 11.27 12.16 3.47
O2A ADP C . 12.75 13.18 1.68
O3A ADP C . 12.72 10.66 2.17
O5' ADP C . 13.97 12.36 3.61
C5' ADP C . 14.00 11.78 4.90
C4' ADP C . 15.38 11.99 5.42
O4' ADP C . 15.57 13.40 5.50
C3' ADP C . 15.49 11.45 6.85
O3' ADP C . 16.68 10.72 6.94
C2' ADP C . 15.64 12.67 7.69
O2' ADP C . 16.56 12.46 8.79
C1' ADP C . 16.19 13.68 6.72
N9 ADP C . 15.87 15.04 7.11
C8 ADP C . 14.64 15.57 7.18
N7 ADP C . 14.77 16.82 7.62
C5 ADP C . 16.06 17.06 7.80
C6 ADP C . 16.81 18.21 8.24
N6 ADP C . 16.06 19.29 8.53
N1 ADP C . 18.15 18.09 8.36
C2 ADP C . 18.81 16.93 8.05
N3 ADP C . 18.18 15.84 7.62
C4 ADP C . 16.81 15.89 7.49
MG MG D . 8.76 11.12 0.66
NA NA E . 17.61 28.99 -16.40
PB ADP F . -12.90 -20.30 20.01
O1B ADP F . -12.37 -20.27 21.45
O2B ADP F . -13.81 -19.14 19.60
O3B ADP F . -11.83 -20.57 19.04
PA ADP F . -13.74 -23.03 19.32
O1A ADP F . -12.48 -23.61 19.86
O2A ADP F . -13.80 -22.76 17.84
O3A ADP F . -13.90 -21.57 19.99
O5' ADP F . -15.14 -23.75 19.64
C5' ADP F . -15.32 -24.33 20.92
C4' ADP F . -16.75 -24.80 20.93
O4' ADP F . -16.92 -25.75 19.84
C3' ADP F . -17.05 -25.54 22.23
O3' ADP F . -18.39 -25.17 22.67
C2' ADP F . -17.08 -26.96 21.73
O2' ADP F . -18.02 -27.66 22.53
C1' ADP F . -17.56 -26.91 20.29
N9 ADP F . -17.22 -28.11 19.49
C8 ADP F . -16.01 -28.52 19.15
N7 ADP F . -16.10 -29.62 18.43
C5 ADP F . -17.41 -29.90 18.29
C6 ADP F . -18.14 -30.95 17.65
N6 ADP F . -17.39 -31.84 17.01
N1 ADP F . -19.51 -30.96 17.68
C2 ADP F . -20.15 -29.99 18.36
N3 ADP F . -19.53 -28.99 19.03
C4 ADP F . -18.16 -28.94 19.00
MG MG G . -9.78 -20.88 19.14
NA NA H . 3.46 -9.97 8.25
NA NA I . -29.33 -16.42 23.07
#